data_7Q1H
#
_entry.id   7Q1H
#
_cell.length_a   77.360
_cell.length_b   116.318
_cell.length_c   62.091
_cell.angle_alpha   90.000
_cell.angle_beta   90.000
_cell.angle_gamma   90.000
#
_symmetry.space_group_name_H-M   'C 2 2 21'
#
loop_
_entity.id
_entity.type
_entity.pdbx_description
1 polymer "Uridine 5'-monophosphate synthase"
2 non-polymer "OROTIDINE-5'-MONOPHOSPHATE"
3 non-polymer 'SULFATE ION'
4 non-polymer PROLINE
5 water water
#
_entity_poly.entity_id   1
_entity_poly.type   'polypeptide(L)'
_entity_poly.pdbx_seq_one_letter_code
;MELSFGARAELPRIHPVASKLLRLMQKKETNLCLSADVSLARELLQLADALGPSICMLKTHVDILNDFTLDVMKELITLA
K(CSS)HEFLIFENRKFADIGNTVKKQYEGGIFKIASWADLVNAHVVPGSGVVKGLQEVGLPLHRGCLLIAEMSSTGSLA
TGDYTRAAVRMAEEHSEFVVGFISGSRVSMKPEFLHLTPGVQLEAGGDNLGQQYNSPQEVIGKRGSDIIIVGRGIISAAD
RLEAAEMYRKAAWEAYLSRLGV
;
_entity_poly.pdbx_strand_id   A
#
# COMPACT_ATOMS: atom_id res chain seq x y z
N MET A 1 9.67 4.34 22.90
CA MET A 1 8.41 3.61 23.10
C MET A 1 7.79 3.23 21.76
N GLU A 2 8.64 2.79 20.83
CA GLU A 2 8.15 2.29 19.56
C GLU A 2 7.65 0.87 19.72
N LEU A 3 6.47 0.62 19.23
CA LEU A 3 5.77 -0.66 19.36
C LEU A 3 6.00 -1.52 18.13
N SER A 4 6.03 -2.83 18.35
CA SER A 4 6.11 -3.78 17.28
C SER A 4 4.87 -3.72 16.41
N PHE A 5 4.97 -4.29 15.22
CA PHE A 5 3.77 -4.39 14.37
C PHE A 5 2.64 -5.14 15.09
N GLY A 6 2.96 -6.22 15.81
CA GLY A 6 1.90 -6.97 16.48
C GLY A 6 1.21 -6.18 17.58
N ALA A 7 1.96 -5.33 18.28
CA ALA A 7 1.35 -4.48 19.29
C ALA A 7 0.56 -3.33 18.64
N ARG A 8 1.06 -2.74 17.56
CA ARG A 8 0.33 -1.71 16.85
C ARG A 8 -1.01 -2.23 16.38
N ALA A 9 -1.09 -3.53 16.04
CA ALA A 9 -2.32 -4.13 15.58
C ALA A 9 -3.40 -4.09 16.66
N GLU A 10 -3.04 -3.86 17.92
N GLU A 10 -3.03 -3.88 17.91
CA GLU A 10 -3.99 -3.85 19.02
CA GLU A 10 -3.96 -3.85 19.04
C GLU A 10 -4.28 -2.45 19.54
C GLU A 10 -4.29 -2.44 19.52
N LEU A 11 -3.74 -1.40 18.89
CA LEU A 11 -3.95 -0.06 19.42
C LEU A 11 -5.42 0.29 19.41
N PRO A 12 -5.87 1.09 20.39
CA PRO A 12 -7.30 1.41 20.50
C PRO A 12 -7.92 1.99 19.25
N ARG A 13 -7.22 2.88 18.58
CA ARG A 13 -7.77 3.58 17.42
C ARG A 13 -7.41 2.90 16.08
N ILE A 14 -6.84 1.70 16.13
CA ILE A 14 -6.42 1.03 14.89
C ILE A 14 -7.64 0.72 14.01
N HIS A 15 -7.47 0.88 12.73
CA HIS A 15 -8.48 0.49 11.78
C HIS A 15 -8.44 -1.01 11.58
N PRO A 16 -9.59 -1.67 11.41
CA PRO A 16 -9.57 -3.13 11.26
C PRO A 16 -8.71 -3.64 10.11
N VAL A 17 -8.65 -2.91 9.01
CA VAL A 17 -7.79 -3.34 7.89
C VAL A 17 -6.32 -3.23 8.26
N ALA A 18 -5.95 -2.14 8.92
CA ALA A 18 -4.58 -1.98 9.40
C ALA A 18 -4.23 -3.08 10.40
N SER A 19 -5.19 -3.42 11.28
N SER A 19 -5.16 -3.42 11.30
CA SER A 19 -4.92 -4.42 12.29
CA SER A 19 -4.85 -4.43 12.30
C SER A 19 -4.65 -5.77 11.64
C SER A 19 -4.64 -5.80 11.64
N LYS A 20 -5.48 -6.14 10.66
CA LYS A 20 -5.29 -7.39 9.94
C LYS A 20 -3.92 -7.44 9.27
N LEU A 21 -3.56 -6.35 8.62
CA LEU A 21 -2.26 -6.22 7.95
C LEU A 21 -1.10 -6.36 8.94
N LEU A 22 -1.14 -5.59 10.02
CA LEU A 22 -0.07 -5.63 11.02
C LEU A 22 0.08 -7.01 11.65
N ARG A 23 -1.04 -7.69 11.91
N ARG A 23 -1.04 -7.69 11.89
CA ARG A 23 -0.95 -9.03 12.47
CA ARG A 23 -0.98 -9.02 12.47
C ARG A 23 -0.25 -9.98 11.51
C ARG A 23 -0.30 -10.01 11.52
N LEU A 24 -0.60 -9.94 10.22
CA LEU A 24 0.02 -10.86 9.26
C LEU A 24 1.47 -10.50 8.99
N MET A 25 1.81 -9.22 9.07
N MET A 25 1.81 -9.20 9.05
CA MET A 25 3.19 -8.81 8.95
CA MET A 25 3.22 -8.82 8.95
C MET A 25 4.03 -9.44 10.06
C MET A 25 4.03 -9.46 10.06
N GLN A 26 3.56 -9.33 11.30
CA GLN A 26 4.23 -9.95 12.44
C GLN A 26 4.29 -11.47 12.30
N LYS A 27 3.17 -12.09 11.91
CA LYS A 27 3.14 -13.57 11.86
C LYS A 27 4.12 -14.11 10.83
N LYS A 28 4.16 -13.48 9.64
CA LYS A 28 4.93 -13.95 8.51
C LYS A 28 6.32 -13.34 8.45
N GLU A 29 6.65 -12.37 9.31
CA GLU A 29 7.93 -11.65 9.24
C GLU A 29 8.12 -11.06 7.86
N THR A 30 7.11 -10.32 7.40
CA THR A 30 7.25 -9.63 6.14
C THR A 30 6.59 -8.26 6.18
N ASN A 31 7.34 -7.27 5.72
CA ASN A 31 6.88 -5.91 5.51
C ASN A 31 7.15 -5.49 4.06
N LEU A 32 7.00 -6.44 3.15
CA LEU A 32 7.19 -6.26 1.72
C LEU A 32 5.85 -6.26 1.00
N CYS A 33 5.63 -5.21 0.19
CA CYS A 33 4.53 -5.14 -0.76
C CYS A 33 5.10 -5.29 -2.17
N LEU A 34 4.63 -6.30 -2.89
CA LEU A 34 5.03 -6.49 -4.28
C LEU A 34 4.11 -5.67 -5.18
N SER A 35 4.70 -4.83 -6.01
CA SER A 35 3.96 -4.12 -7.05
C SER A 35 4.02 -4.90 -8.33
N ALA A 36 2.90 -5.44 -8.75
CA ALA A 36 2.83 -6.39 -9.86
C ALA A 36 2.19 -5.73 -11.08
N ASP A 37 2.96 -4.88 -11.77
CA ASP A 37 2.46 -4.17 -12.96
C ASP A 37 2.71 -5.06 -14.16
N VAL A 38 1.89 -6.08 -14.28
CA VAL A 38 1.98 -7.09 -15.33
C VAL A 38 0.74 -7.03 -16.20
N SER A 39 0.86 -7.41 -17.46
N SER A 39 0.89 -7.42 -17.46
CA SER A 39 -0.28 -7.33 -18.35
CA SER A 39 -0.18 -7.37 -18.45
C SER A 39 -1.10 -8.61 -18.46
C SER A 39 -1.08 -8.61 -18.45
N LEU A 40 -0.59 -9.74 -17.96
CA LEU A 40 -1.25 -11.04 -18.12
C LEU A 40 -1.73 -11.56 -16.77
N ALA A 41 -3.01 -11.95 -16.71
CA ALA A 41 -3.56 -12.54 -15.50
C ALA A 41 -2.76 -13.75 -15.05
N ARG A 42 -2.33 -14.63 -15.98
CA ARG A 42 -1.56 -15.80 -15.56
C ARG A 42 -0.30 -15.38 -14.81
N GLU A 43 0.39 -14.34 -15.26
CA GLU A 43 1.61 -13.93 -14.58
C GLU A 43 1.26 -13.36 -13.21
N LEU A 44 0.22 -12.52 -13.14
CA LEU A 44 -0.23 -11.98 -11.86
C LEU A 44 -0.52 -13.09 -10.86
N LEU A 45 -1.31 -14.07 -11.27
CA LEU A 45 -1.69 -15.16 -10.37
C LEU A 45 -0.49 -16.03 -10.00
N GLN A 46 0.39 -16.32 -10.96
CA GLN A 46 1.55 -17.15 -10.65
C GLN A 46 2.48 -16.43 -9.70
N LEU A 47 2.63 -15.11 -9.85
CA LEU A 47 3.43 -14.34 -8.90
C LEU A 47 2.78 -14.31 -7.53
N ALA A 48 1.48 -14.07 -7.48
CA ALA A 48 0.79 -13.99 -6.19
C ALA A 48 0.87 -15.32 -5.44
N ASP A 49 0.80 -16.45 -6.15
CA ASP A 49 0.87 -17.75 -5.50
C ASP A 49 2.28 -18.04 -5.01
N ALA A 50 3.29 -17.83 -5.86
CA ALA A 50 4.67 -18.17 -5.49
C ALA A 50 5.24 -17.21 -4.46
N LEU A 51 4.90 -15.92 -4.53
CA LEU A 51 5.47 -14.90 -3.65
C LEU A 51 4.55 -14.56 -2.48
N GLY A 52 3.36 -15.11 -2.47
CA GLY A 52 2.39 -14.86 -1.43
C GLY A 52 2.94 -15.02 -0.04
N PRO A 53 3.61 -16.15 0.25
CA PRO A 53 4.20 -16.32 1.57
C PRO A 53 5.20 -15.27 1.97
N SER A 54 5.83 -14.59 0.99
CA SER A 54 6.90 -13.65 1.26
C SER A 54 6.43 -12.21 1.40
N ILE A 55 5.16 -11.91 1.13
CA ILE A 55 4.69 -10.53 1.08
C ILE A 55 3.57 -10.31 2.06
N CYS A 56 3.45 -9.08 2.52
CA CYS A 56 2.28 -8.68 3.31
C CYS A 56 1.16 -8.10 2.47
N MET A 57 1.46 -7.79 1.21
CA MET A 57 0.54 -7.03 0.37
C MET A 57 0.96 -7.18 -1.06
N LEU A 58 -0.03 -7.13 -1.96
N LEU A 58 -0.01 -7.14 -1.96
CA LEU A 58 0.17 -7.17 -3.41
CA LEU A 58 0.25 -7.17 -3.39
C LEU A 58 -0.47 -5.90 -3.94
C LEU A 58 -0.46 -5.95 -3.97
N LYS A 59 0.33 -5.08 -4.64
N LYS A 59 0.34 -5.07 -4.56
CA LYS A 59 -0.19 -3.89 -5.29
CA LYS A 59 -0.20 -3.90 -5.28
C LYS A 59 -0.55 -4.27 -6.73
C LYS A 59 -0.55 -4.30 -6.70
N THR A 60 -1.84 -4.25 -7.02
CA THR A 60 -2.36 -4.60 -8.34
C THR A 60 -2.44 -3.35 -9.21
N HIS A 61 -2.43 -3.62 -10.51
CA HIS A 61 -2.53 -2.59 -11.56
C HIS A 61 -3.61 -3.04 -12.54
N VAL A 62 -4.88 -3.05 -12.12
N VAL A 62 -4.87 -3.00 -12.07
CA VAL A 62 -5.84 -3.64 -13.04
CA VAL A 62 -5.98 -3.50 -12.88
C VAL A 62 -6.04 -2.84 -14.32
C VAL A 62 -6.04 -2.84 -14.25
N ASP A 63 -5.66 -1.55 -14.33
CA ASP A 63 -5.78 -0.75 -15.54
C ASP A 63 -4.89 -1.25 -16.65
N ILE A 64 -3.88 -2.06 -16.36
N ILE A 64 -3.89 -2.07 -16.37
CA ILE A 64 -3.00 -2.59 -17.39
CA ILE A 64 -3.04 -2.59 -17.43
C ILE A 64 -3.17 -4.08 -17.63
C ILE A 64 -3.18 -4.08 -17.64
N LEU A 65 -4.12 -4.72 -16.94
CA LEU A 65 -4.32 -6.15 -17.08
C LEU A 65 -5.15 -6.44 -18.34
N ASN A 66 -4.49 -6.95 -19.37
CA ASN A 66 -5.14 -7.07 -20.67
C ASN A 66 -6.34 -8.01 -20.62
N ASP A 67 -6.29 -9.02 -19.75
CA ASP A 67 -7.32 -10.03 -19.69
C ASP A 67 -8.02 -10.01 -18.32
N PHE A 68 -8.12 -8.84 -17.74
CA PHE A 68 -8.93 -8.65 -16.54
C PHE A 68 -10.31 -9.23 -16.72
N THR A 69 -10.77 -9.94 -15.69
CA THR A 69 -12.18 -10.21 -15.44
C THR A 69 -12.35 -10.19 -13.92
N LEU A 70 -13.58 -10.05 -13.48
CA LEU A 70 -13.83 -10.13 -12.04
C LEU A 70 -13.48 -11.50 -11.50
N ASP A 71 -13.54 -12.55 -12.33
CA ASP A 71 -13.14 -13.88 -11.89
C ASP A 71 -11.64 -13.98 -11.64
N VAL A 72 -10.81 -13.26 -12.41
CA VAL A 72 -9.39 -13.20 -12.08
C VAL A 72 -9.23 -12.66 -10.68
N MET A 73 -10.05 -11.65 -10.31
N MET A 73 -10.03 -11.63 -10.32
CA MET A 73 -9.87 -11.09 -8.98
CA MET A 73 -9.92 -11.06 -8.98
C MET A 73 -10.37 -12.04 -7.91
C MET A 73 -10.36 -12.07 -7.92
N LYS A 74 -11.37 -12.86 -8.24
CA LYS A 74 -11.85 -13.87 -7.30
C LYS A 74 -10.75 -14.89 -7.04
N GLU A 75 -10.01 -15.30 -8.08
CA GLU A 75 -8.87 -16.18 -7.91
C GLU A 75 -7.75 -15.52 -7.13
N LEU A 76 -7.51 -14.22 -7.35
CA LEU A 76 -6.51 -13.51 -6.58
C LEU A 76 -6.88 -13.44 -5.10
N ILE A 77 -8.15 -13.21 -4.81
CA ILE A 77 -8.62 -13.21 -3.42
C ILE A 77 -8.38 -14.57 -2.77
N THR A 78 -8.64 -15.66 -3.49
CA THR A 78 -8.37 -17.00 -2.93
C THR A 78 -6.90 -17.12 -2.54
N LEU A 79 -5.97 -16.64 -3.39
CA LEU A 79 -4.56 -16.65 -3.03
C LEU A 79 -4.24 -15.73 -1.86
N ALA A 80 -4.85 -14.55 -1.81
CA ALA A 80 -4.61 -13.61 -0.72
C ALA A 80 -5.08 -14.19 0.61
N LYS A 81 -6.22 -14.86 0.61
N LYS A 81 -6.22 -14.87 0.61
CA LYS A 81 -6.72 -15.53 1.80
CA LYS A 81 -6.70 -15.54 1.83
C LYS A 81 -5.80 -16.69 2.22
C LYS A 81 -5.78 -16.69 2.22
N HIS A 83 -2.51 -17.35 1.45
CA HIS A 83 -1.17 -16.95 1.83
C HIS A 83 -1.09 -15.81 2.83
N GLU A 84 -2.23 -15.15 3.07
CA GLU A 84 -2.39 -14.04 4.00
C GLU A 84 -1.67 -12.79 3.53
N PHE A 85 -2.23 -12.08 2.56
CA PHE A 85 -1.72 -10.77 2.17
C PHE A 85 -2.93 -9.94 1.78
N LEU A 86 -2.78 -8.63 1.86
CA LEU A 86 -3.82 -7.73 1.40
C LEU A 86 -3.63 -7.34 -0.06
N ILE A 87 -4.74 -6.98 -0.70
CA ILE A 87 -4.75 -6.50 -2.08
C ILE A 87 -4.92 -4.99 -2.06
N PHE A 88 -3.98 -4.29 -2.68
CA PHE A 88 -3.91 -2.82 -2.73
C PHE A 88 -3.91 -2.44 -4.20
N GLU A 89 -4.96 -1.80 -4.67
CA GLU A 89 -5.00 -1.37 -6.07
C GLU A 89 -4.27 -0.06 -6.27
N ASN A 90 -3.53 0.05 -7.38
CA ASN A 90 -2.71 1.22 -7.65
C ASN A 90 -3.48 2.45 -8.13
N ARG A 91 -4.65 2.30 -8.75
CA ARG A 91 -5.40 3.41 -9.34
C ARG A 91 -5.32 4.64 -8.47
N LYS A 92 -4.91 5.76 -9.05
CA LYS A 92 -4.74 7.02 -8.32
C LYS A 92 -6.07 7.78 -8.27
N PHE A 93 -6.83 7.57 -7.20
CA PHE A 93 -8.08 8.30 -7.08
C PHE A 93 -7.74 9.74 -6.75
N ALA A 94 -8.23 10.68 -7.57
CA ALA A 94 -7.70 12.04 -7.48
C ALA A 94 -8.66 13.02 -8.14
N ASP A 95 -9.94 12.85 -7.84
N ASP A 95 -9.96 12.79 -7.95
CA ASP A 95 -11.04 13.61 -8.41
CA ASP A 95 -11.06 13.57 -8.47
C ASP A 95 -11.83 14.23 -7.28
C ASP A 95 -11.81 14.23 -7.31
N ILE A 96 -12.73 15.14 -7.66
CA ILE A 96 -13.67 15.66 -6.67
C ILE A 96 -14.46 14.49 -6.09
N GLY A 97 -15.00 14.71 -4.89
CA GLY A 97 -15.64 13.63 -4.16
C GLY A 97 -16.78 12.95 -4.90
N ASN A 98 -17.59 13.75 -5.61
CA ASN A 98 -18.76 13.18 -6.26
C ASN A 98 -18.38 12.19 -7.33
N THR A 99 -17.31 12.45 -8.02
N THR A 99 -17.33 12.49 -8.11
CA THR A 99 -16.92 11.64 -9.13
CA THR A 99 -16.96 11.57 -9.19
C THR A 99 -16.10 10.43 -8.68
C THR A 99 -16.10 10.41 -8.68
N VAL A 100 -15.28 10.62 -7.66
CA VAL A 100 -14.42 9.53 -7.21
C VAL A 100 -15.23 8.35 -6.69
N LYS A 101 -16.39 8.58 -6.10
CA LYS A 101 -17.12 7.46 -5.53
C LYS A 101 -17.54 6.45 -6.61
N LYS A 102 -17.95 6.96 -7.76
N LYS A 102 -17.94 6.94 -7.77
CA LYS A 102 -18.36 6.08 -8.85
CA LYS A 102 -18.34 6.03 -8.82
C LYS A 102 -17.16 5.36 -9.45
C LYS A 102 -17.14 5.34 -9.44
N GLN A 103 -16.01 6.03 -9.51
CA GLN A 103 -14.77 5.39 -9.98
C GLN A 103 -14.37 4.21 -9.12
N TYR A 104 -14.58 4.35 -7.82
CA TYR A 104 -14.18 3.33 -6.86
C TYR A 104 -15.14 2.16 -6.84
N GLU A 105 -16.44 2.43 -6.93
CA GLU A 105 -17.45 1.38 -6.85
C GLU A 105 -17.78 0.68 -8.14
N GLY A 106 -17.75 1.42 -9.25
CA GLY A 106 -18.43 1.00 -10.45
C GLY A 106 -17.57 0.64 -11.64
N GLY A 107 -18.17 0.80 -12.81
CA GLY A 107 -17.56 0.37 -14.06
C GLY A 107 -17.33 -1.12 -14.12
N ILE A 108 -16.48 -1.49 -15.08
N ILE A 108 -16.47 -1.50 -15.08
CA ILE A 108 -16.16 -2.90 -15.25
CA ILE A 108 -16.17 -2.92 -15.24
C ILE A 108 -15.34 -3.45 -14.10
C ILE A 108 -15.28 -3.47 -14.14
N PHE A 109 -14.50 -2.61 -13.47
CA PHE A 109 -13.51 -3.13 -12.53
C PHE A 109 -14.07 -3.34 -11.13
N LYS A 110 -15.09 -2.58 -10.72
CA LYS A 110 -15.66 -2.67 -9.38
C LYS A 110 -14.56 -2.80 -8.32
N ILE A 111 -13.68 -1.80 -8.28
CA ILE A 111 -12.48 -1.91 -7.46
C ILE A 111 -12.82 -2.18 -5.99
N ALA A 112 -13.80 -1.45 -5.45
CA ALA A 112 -14.12 -1.60 -4.02
C ALA A 112 -14.55 -3.01 -3.67
N SER A 113 -15.05 -3.79 -4.65
N SER A 113 -15.04 -3.80 -4.64
CA SER A 113 -15.52 -5.14 -4.37
CA SER A 113 -15.52 -5.13 -4.33
C SER A 113 -14.39 -6.10 -4.01
C SER A 113 -14.41 -6.14 -4.07
N TRP A 114 -13.16 -5.86 -4.46
CA TRP A 114 -12.06 -6.78 -4.23
C TRP A 114 -10.81 -6.14 -3.62
N ALA A 115 -10.65 -4.83 -3.64
CA ALA A 115 -9.44 -4.20 -3.11
C ALA A 115 -9.59 -3.90 -1.62
N ASP A 116 -8.70 -4.48 -0.80
N ASP A 116 -8.68 -4.49 -0.80
CA ASP A 116 -8.71 -4.15 0.62
CA ASP A 116 -8.67 -4.14 0.62
C ASP A 116 -8.22 -2.73 0.87
C ASP A 116 -8.30 -2.69 0.80
N LEU A 117 -7.32 -2.24 0.03
CA LEU A 117 -6.77 -0.91 0.13
C LEU A 117 -6.78 -0.23 -1.23
N VAL A 118 -7.02 1.08 -1.21
CA VAL A 118 -6.86 1.96 -2.37
C VAL A 118 -5.99 3.13 -1.92
N ASN A 119 -5.50 3.89 -2.89
CA ASN A 119 -4.76 5.10 -2.61
C ASN A 119 -5.35 6.31 -3.32
N ALA A 120 -5.25 7.45 -2.65
CA ALA A 120 -5.74 8.70 -3.19
C ALA A 120 -4.67 9.78 -3.13
N HIS A 121 -4.66 10.65 -4.14
CA HIS A 121 -3.96 11.92 -4.04
C HIS A 121 -4.83 12.91 -3.30
N VAL A 122 -4.17 13.78 -2.52
CA VAL A 122 -4.88 14.72 -1.65
C VAL A 122 -5.08 16.08 -2.31
N VAL A 123 -4.57 16.28 -3.52
CA VAL A 123 -4.65 17.57 -4.22
C VAL A 123 -6.07 18.11 -4.36
N PRO A 124 -7.13 17.30 -4.48
CA PRO A 124 -8.47 17.91 -4.58
C PRO A 124 -9.00 18.49 -3.29
N GLY A 125 -8.31 18.29 -2.16
CA GLY A 125 -8.88 18.55 -0.86
C GLY A 125 -9.61 17.35 -0.32
N SER A 126 -10.11 17.52 0.92
CA SER A 126 -10.63 16.37 1.67
C SER A 126 -11.88 15.75 1.08
N GLY A 127 -12.53 16.40 0.15
CA GLY A 127 -13.64 15.76 -0.53
C GLY A 127 -13.27 14.47 -1.24
N VAL A 128 -12.01 14.32 -1.68
CA VAL A 128 -11.63 13.08 -2.31
C VAL A 128 -11.77 11.94 -1.33
N VAL A 129 -11.41 12.19 -0.06
CA VAL A 129 -11.49 11.17 0.97
C VAL A 129 -12.93 10.93 1.37
N LYS A 130 -13.70 12.01 1.54
N LYS A 130 -13.71 12.01 1.51
CA LYS A 130 -15.11 11.86 1.88
CA LYS A 130 -15.12 11.87 1.88
C LYS A 130 -15.86 11.07 0.82
C LYS A 130 -15.89 11.11 0.82
N GLY A 131 -15.59 11.36 -0.46
CA GLY A 131 -16.25 10.61 -1.50
C GLY A 131 -15.88 9.14 -1.50
N LEU A 132 -14.57 8.84 -1.41
CA LEU A 132 -14.16 7.45 -1.33
C LEU A 132 -14.77 6.78 -0.12
N GLN A 133 -14.83 7.47 1.01
N GLN A 133 -14.82 7.48 1.01
CA GLN A 133 -15.32 6.85 2.24
CA GLN A 133 -15.33 6.90 2.23
C GLN A 133 -16.79 6.45 2.13
C GLN A 133 -16.81 6.55 2.12
N GLU A 134 -17.60 7.17 1.34
N GLU A 134 -17.56 7.27 1.27
CA GLU A 134 -19.02 6.84 1.24
CA GLU A 134 -18.97 6.96 1.08
C GLU A 134 -19.24 5.49 0.60
C GLU A 134 -19.15 5.50 0.70
N VAL A 135 -18.27 5.02 -0.17
CA VAL A 135 -18.28 3.67 -0.69
C VAL A 135 -17.48 2.72 0.21
N GLY A 136 -16.31 3.15 0.65
CA GLY A 136 -15.39 2.21 1.27
C GLY A 136 -15.72 1.90 2.72
N LEU A 137 -16.24 2.87 3.46
N LEU A 137 -16.20 2.88 3.47
CA LEU A 137 -16.56 2.58 4.86
CA LEU A 137 -16.59 2.59 4.86
C LEU A 137 -17.65 1.51 4.98
C LEU A 137 -17.62 1.48 4.92
N PRO A 138 -18.75 1.56 4.21
CA PRO A 138 -19.69 0.45 4.25
C PRO A 138 -19.11 -0.88 3.82
N LEU A 139 -18.13 -0.87 2.93
CA LEU A 139 -17.49 -2.08 2.45
C LEU A 139 -16.29 -2.48 3.30
N HIS A 140 -16.07 -1.78 4.41
N HIS A 140 -16.12 -1.85 4.47
CA HIS A 140 -15.10 -2.21 5.41
CA HIS A 140 -15.08 -2.22 5.44
C HIS A 140 -13.67 -2.08 4.89
C HIS A 140 -13.67 -2.13 4.84
N ARG A 141 -13.44 -1.12 4.00
CA ARG A 141 -12.17 -0.94 3.32
C ARG A 141 -11.31 0.12 3.97
N GLY A 142 -10.05 0.17 3.51
CA GLY A 142 -9.14 1.20 3.95
C GLY A 142 -8.50 1.95 2.78
N CYS A 143 -7.99 3.13 3.11
N CYS A 143 -7.96 3.12 3.09
CA CYS A 143 -7.38 4.01 2.11
CA CYS A 143 -7.34 3.91 2.04
C CYS A 143 -6.03 4.50 2.58
C CYS A 143 -6.07 4.58 2.54
N LEU A 144 -5.10 4.70 1.63
CA LEU A 144 -3.81 5.33 1.88
C LEU A 144 -3.78 6.68 1.18
N LEU A 145 -3.25 7.72 1.84
CA LEU A 145 -3.10 9.02 1.20
C LEU A 145 -1.64 9.21 0.74
N ILE A 146 -1.47 9.74 -0.47
CA ILE A 146 -0.15 9.94 -1.02
C ILE A 146 0.38 11.26 -0.48
N ALA A 147 1.20 11.18 0.56
CA ALA A 147 1.76 12.33 1.24
C ALA A 147 3.07 12.80 0.66
N GLU A 148 3.84 11.91 0.04
CA GLU A 148 5.10 12.22 -0.62
C GLU A 148 5.21 11.26 -1.80
N MET A 149 5.98 11.65 -2.82
CA MET A 149 6.24 10.78 -3.95
C MET A 149 7.74 10.63 -4.14
N SER A 150 8.12 9.52 -4.77
CA SER A 150 9.52 9.15 -4.94
C SER A 150 10.20 9.77 -6.16
N SER A 151 9.44 10.41 -7.03
CA SER A 151 9.92 10.78 -8.36
C SER A 151 10.47 12.19 -8.38
N THR A 152 11.38 12.42 -9.33
CA THR A 152 12.05 13.70 -9.43
C THR A 152 11.07 14.79 -9.75
N GLY A 153 11.12 15.87 -8.98
CA GLY A 153 10.23 17.01 -9.16
C GLY A 153 8.90 16.87 -8.44
N SER A 154 8.73 15.83 -7.64
CA SER A 154 7.51 15.69 -6.84
C SER A 154 7.15 16.98 -6.14
N LEU A 155 5.87 17.34 -6.22
CA LEU A 155 5.33 18.51 -5.54
C LEU A 155 4.67 18.14 -4.23
N ALA A 156 4.76 16.87 -3.83
CA ALA A 156 4.16 16.42 -2.57
C ALA A 156 5.19 16.60 -1.46
N THR A 157 5.40 17.88 -1.11
CA THR A 157 6.41 18.29 -0.15
C THR A 157 5.84 19.38 0.75
N GLY A 158 6.53 19.63 1.87
CA GLY A 158 6.16 20.79 2.68
C GLY A 158 4.71 20.80 3.14
N ASP A 159 4.02 21.92 2.86
CA ASP A 159 2.64 22.07 3.29
C ASP A 159 1.69 21.05 2.64
N TYR A 160 2.02 20.57 1.44
CA TYR A 160 1.22 19.51 0.82
C TYR A 160 1.24 18.27 1.67
N THR A 161 2.43 17.86 2.09
CA THR A 161 2.57 16.68 2.94
C THR A 161 1.83 16.88 4.25
N ARG A 162 1.95 18.06 4.85
CA ARG A 162 1.24 18.35 6.10
C ARG A 162 -0.26 18.26 5.91
N ALA A 163 -0.78 18.70 4.75
CA ALA A 163 -2.21 18.63 4.51
C ALA A 163 -2.66 17.19 4.39
N ALA A 164 -1.82 16.33 3.78
CA ALA A 164 -2.17 14.90 3.70
C ALA A 164 -2.25 14.28 5.08
N VAL A 165 -1.30 14.62 5.95
CA VAL A 165 -1.32 14.08 7.31
C VAL A 165 -2.57 14.52 8.07
N ARG A 166 -2.93 15.81 7.98
N ARG A 166 -2.93 15.81 7.96
CA ARG A 166 -4.14 16.28 8.64
CA ARG A 166 -4.13 16.31 8.60
C ARG A 166 -5.36 15.55 8.09
C ARG A 166 -5.37 15.62 8.08
N MET A 167 -5.44 15.40 6.76
N MET A 167 -5.47 15.41 6.75
CA MET A 167 -6.57 14.73 6.16
CA MET A 167 -6.62 14.71 6.19
C MET A 167 -6.71 13.29 6.64
C MET A 167 -6.72 13.29 6.73
N ALA A 168 -5.59 12.59 6.79
CA ALA A 168 -5.61 11.24 7.33
C ALA A 168 -6.11 11.23 8.77
N GLU A 169 -5.57 12.13 9.61
N GLU A 169 -5.59 12.12 9.59
CA GLU A 169 -5.94 12.18 11.03
CA GLU A 169 -5.86 12.05 11.01
C GLU A 169 -7.43 12.35 11.18
C GLU A 169 -7.31 12.51 11.30
N GLU A 170 -8.00 13.20 10.34
CA GLU A 170 -9.40 13.59 10.47
C GLU A 170 -10.37 12.61 9.81
N HIS A 171 -9.86 11.60 9.11
CA HIS A 171 -10.67 10.56 8.48
C HIS A 171 -10.15 9.19 8.86
N SER A 172 -9.84 9.01 10.15
CA SER A 172 -9.22 7.78 10.66
C SER A 172 -10.14 6.57 10.66
N GLU A 173 -11.44 6.75 10.45
N GLU A 173 -11.44 6.76 10.44
CA GLU A 173 -12.31 5.58 10.27
CA GLU A 173 -12.33 5.61 10.27
C GLU A 173 -12.13 4.92 8.92
C GLU A 173 -12.13 4.92 8.94
N PHE A 174 -11.40 5.54 8.00
CA PHE A 174 -11.21 5.04 6.67
C PHE A 174 -9.77 5.10 6.20
N VAL A 175 -9.04 6.17 6.51
CA VAL A 175 -7.63 6.30 6.11
C VAL A 175 -6.77 5.55 7.10
N VAL A 176 -6.00 4.60 6.59
CA VAL A 176 -5.15 3.75 7.43
C VAL A 176 -3.69 4.13 7.35
N GLY A 177 -3.31 5.06 6.49
CA GLY A 177 -1.92 5.44 6.41
C GLY A 177 -1.59 6.16 5.11
N PHE A 178 -0.30 6.09 4.76
CA PHE A 178 0.27 6.95 3.74
C PHE A 178 1.11 6.15 2.79
N ILE A 179 1.16 6.66 1.55
CA ILE A 179 2.29 6.43 0.65
C ILE A 179 3.22 7.60 0.92
N SER A 180 4.46 7.31 1.35
CA SER A 180 5.39 8.38 1.70
C SER A 180 6.79 7.83 1.59
N GLY A 181 7.77 8.73 1.69
CA GLY A 181 9.16 8.29 1.66
C GLY A 181 9.77 8.07 3.02
N SER A 182 9.04 8.46 4.07
N SER A 182 9.03 8.37 4.07
CA SER A 182 9.51 8.38 5.44
CA SER A 182 9.51 8.39 5.43
C SER A 182 8.29 8.45 6.34
C SER A 182 8.28 8.41 6.34
N ARG A 183 8.52 8.26 7.64
CA ARG A 183 7.47 8.53 8.62
C ARG A 183 7.05 10.00 8.48
N VAL A 184 5.76 10.23 8.27
CA VAL A 184 5.20 11.57 8.21
C VAL A 184 4.19 11.84 9.33
N SER A 185 3.62 10.83 9.94
CA SER A 185 2.75 10.96 11.08
C SER A 185 3.43 10.36 12.29
N MET A 186 3.26 11.02 13.41
CA MET A 186 3.75 10.52 14.67
C MET A 186 2.77 9.57 15.35
N LYS A 187 1.62 9.31 14.77
CA LYS A 187 0.61 8.47 15.41
C LYS A 187 0.82 7.04 14.94
N PRO A 188 1.01 6.08 15.85
CA PRO A 188 1.44 4.73 15.43
C PRO A 188 0.34 3.89 14.80
N GLU A 189 -0.90 4.37 14.84
N GLU A 189 -0.92 4.35 14.85
CA GLU A 189 -2.01 3.69 14.18
CA GLU A 189 -1.98 3.62 14.19
C GLU A 189 -1.94 3.78 12.67
C GLU A 189 -2.00 3.82 12.68
N PHE A 190 -1.14 4.69 12.13
CA PHE A 190 -1.04 4.87 10.69
C PHE A 190 0.14 4.09 10.15
N LEU A 191 -0.09 3.45 9.02
N LEU A 191 -0.08 3.44 9.01
CA LEU A 191 0.93 2.78 8.26
CA LEU A 191 0.95 2.74 8.28
C LEU A 191 1.67 3.77 7.37
C LEU A 191 1.64 3.67 7.28
N HIS A 192 2.96 3.50 7.17
CA HIS A 192 3.77 4.18 6.17
C HIS A 192 4.29 3.19 5.15
N LEU A 193 3.88 3.34 3.90
CA LEU A 193 4.32 2.49 2.80
C LEU A 193 5.18 3.32 1.87
N THR A 194 6.39 2.81 1.54
CA THR A 194 7.37 3.55 0.75
C THR A 194 7.75 2.87 -0.54
N PRO A 195 7.38 3.44 -1.68
CA PRO A 195 7.84 2.95 -2.98
C PRO A 195 9.12 3.66 -3.35
N GLY A 196 9.63 3.37 -4.53
CA GLY A 196 10.94 3.88 -4.92
C GLY A 196 12.06 3.16 -4.17
N VAL A 197 12.01 1.84 -4.16
CA VAL A 197 12.91 1.01 -3.36
C VAL A 197 13.61 -0.02 -4.24
N GLN A 198 14.94 -0.06 -4.16
N GLN A 198 14.94 -0.07 -4.14
CA GLN A 198 15.77 -1.12 -4.73
CA GLN A 198 15.76 -1.12 -4.74
C GLN A 198 16.95 -1.37 -3.82
C GLN A 198 16.99 -1.34 -3.87
N LEU A 199 17.56 -2.56 -3.97
CA LEU A 199 18.76 -2.86 -3.20
C LEU A 199 19.94 -2.02 -3.69
N GLU A 200 20.03 -1.81 -4.98
CA GLU A 200 21.11 -1.03 -5.58
C GLU A 200 20.66 0.40 -5.76
N ALA A 201 21.64 1.31 -5.73
CA ALA A 201 21.39 2.72 -5.99
C ALA A 201 21.01 2.91 -7.46
N GLY A 202 20.23 3.96 -7.69
CA GLY A 202 19.94 4.43 -9.01
C GLY A 202 18.52 4.94 -9.20
N GLY A 203 17.97 4.71 -10.39
CA GLY A 203 16.70 5.28 -10.77
C GLY A 203 16.29 4.69 -12.10
N ASP A 204 15.29 5.30 -12.74
CA ASP A 204 14.97 4.98 -14.12
C ASP A 204 15.14 6.25 -14.98
N ASN A 205 14.70 6.13 -16.24
N ASN A 205 14.75 6.16 -16.26
CA ASN A 205 14.82 7.15 -17.26
CA ASN A 205 14.90 7.30 -17.17
C ASN A 205 13.70 8.18 -17.24
C ASN A 205 13.65 8.15 -17.30
N LEU A 206 12.69 7.98 -16.39
CA LEU A 206 11.45 8.75 -16.35
C LEU A 206 11.17 9.19 -14.93
N GLY A 207 12.21 9.58 -14.20
CA GLY A 207 12.06 10.26 -12.93
C GLY A 207 11.99 9.40 -11.69
N GLN A 208 12.00 8.07 -11.79
CA GLN A 208 11.99 7.27 -10.57
C GLN A 208 13.35 7.38 -9.91
N GLN A 209 13.36 7.41 -8.59
CA GLN A 209 14.56 7.46 -7.79
C GLN A 209 14.46 6.38 -6.73
N TYR A 210 15.54 5.65 -6.51
CA TYR A 210 15.54 4.53 -5.57
C TYR A 210 16.34 4.83 -4.31
N ASN A 211 15.83 4.30 -3.20
CA ASN A 211 16.54 4.18 -1.95
C ASN A 211 16.43 2.75 -1.46
N SER A 212 17.33 2.37 -0.56
CA SER A 212 17.39 0.99 -0.14
C SER A 212 16.37 0.68 0.95
N PRO A 213 16.03 -0.62 1.14
CA PRO A 213 15.19 -0.98 2.30
C PRO A 213 15.78 -0.51 3.61
N GLN A 214 17.08 -0.70 3.83
CA GLN A 214 17.68 -0.26 5.08
C GLN A 214 17.48 1.25 5.30
N GLU A 215 17.67 2.05 4.25
CA GLU A 215 17.48 3.48 4.41
C GLU A 215 16.03 3.83 4.72
N VAL A 216 15.07 3.26 3.95
CA VAL A 216 13.68 3.72 4.08
C VAL A 216 13.01 3.21 5.35
N ILE A 217 13.27 1.96 5.72
CA ILE A 217 12.67 1.38 6.91
C ILE A 217 13.48 1.76 8.14
N GLY A 218 14.81 1.62 8.06
CA GLY A 218 15.66 1.78 9.20
C GLY A 218 15.93 3.21 9.60
N LYS A 219 16.31 4.05 8.65
N LYS A 219 16.36 4.04 8.66
CA LYS A 219 16.66 5.45 8.93
CA LYS A 219 16.65 5.44 8.95
C LYS A 219 15.51 6.42 8.72
C LYS A 219 15.42 6.34 8.81
N ARG A 220 14.61 6.16 7.79
CA ARG A 220 13.48 7.05 7.54
C ARG A 220 12.23 6.64 8.27
N GLY A 221 12.22 5.48 8.89
CA GLY A 221 11.15 5.08 9.77
C GLY A 221 9.87 4.59 9.13
N SER A 222 9.89 4.23 7.85
N SER A 222 9.89 4.23 7.85
CA SER A 222 8.69 3.72 7.22
CA SER A 222 8.71 3.71 7.19
C SER A 222 8.44 2.29 7.68
C SER A 222 8.47 2.26 7.61
N ASP A 223 7.25 1.79 7.37
CA ASP A 223 6.83 0.45 7.80
C ASP A 223 7.00 -0.62 6.73
N ILE A 224 6.66 -0.30 5.49
CA ILE A 224 6.52 -1.27 4.41
C ILE A 224 7.23 -0.73 3.18
N ILE A 225 7.95 -1.61 2.48
CA ILE A 225 8.52 -1.22 1.18
C ILE A 225 7.62 -1.73 0.07
N ILE A 226 7.42 -0.89 -0.97
CA ILE A 226 6.73 -1.28 -2.19
C ILE A 226 7.82 -1.46 -3.25
N VAL A 227 7.89 -2.64 -3.83
CA VAL A 227 8.93 -2.96 -4.81
C VAL A 227 8.29 -3.55 -6.04
N GLY A 228 8.60 -2.96 -7.21
CA GLY A 228 8.16 -3.44 -8.51
C GLY A 228 9.34 -4.07 -9.23
N ARG A 229 10.00 -3.28 -10.08
CA ARG A 229 11.01 -3.81 -11.00
C ARG A 229 12.13 -4.57 -10.31
N GLY A 230 12.51 -4.17 -9.10
CA GLY A 230 13.59 -4.89 -8.41
C GLY A 230 13.29 -6.36 -8.22
N ILE A 231 12.02 -6.73 -8.12
CA ILE A 231 11.57 -8.12 -8.14
C ILE A 231 11.12 -8.55 -9.53
N ILE A 232 10.20 -7.79 -10.16
CA ILE A 232 9.52 -8.26 -11.35
C ILE A 232 10.50 -8.51 -12.49
N SER A 233 11.56 -7.73 -12.61
CA SER A 233 12.51 -7.89 -13.69
C SER A 233 13.59 -8.92 -13.41
N ALA A 234 13.69 -9.40 -12.18
CA ALA A 234 14.69 -10.41 -11.83
C ALA A 234 14.31 -11.73 -12.45
N ALA A 235 15.32 -12.59 -12.72
CA ALA A 235 14.98 -13.90 -13.26
C ALA A 235 14.21 -14.74 -12.25
N ASP A 236 14.76 -14.90 -11.07
CA ASP A 236 14.11 -15.63 -9.98
C ASP A 236 13.39 -14.64 -9.07
N ARG A 237 12.12 -14.47 -9.34
CA ARG A 237 11.31 -13.52 -8.58
C ARG A 237 11.13 -13.92 -7.11
N LEU A 238 11.14 -15.22 -6.83
CA LEU A 238 10.97 -15.67 -5.46
C LEU A 238 12.19 -15.31 -4.64
N GLU A 239 13.38 -15.63 -5.13
N GLU A 239 13.38 -15.67 -5.13
CA GLU A 239 14.57 -15.26 -4.39
CA GLU A 239 14.61 -15.27 -4.48
C GLU A 239 14.70 -13.74 -4.29
C GLU A 239 14.66 -13.76 -4.29
N ALA A 240 14.31 -12.99 -5.34
CA ALA A 240 14.39 -11.54 -5.21
C ALA A 240 13.45 -11.06 -4.10
N ALA A 241 12.22 -11.56 -4.08
CA ALA A 241 11.29 -11.20 -3.03
C ALA A 241 11.83 -11.53 -1.66
N GLU A 242 12.46 -12.69 -1.51
CA GLU A 242 13.06 -13.03 -0.21
C GLU A 242 14.18 -12.07 0.19
N MET A 243 15.00 -11.63 -0.77
N MET A 243 15.00 -11.65 -0.77
CA MET A 243 16.04 -10.68 -0.42
CA MET A 243 16.04 -10.68 -0.45
C MET A 243 15.44 -9.36 0.05
C MET A 243 15.43 -9.38 0.05
N TYR A 244 14.40 -8.89 -0.64
CA TYR A 244 13.75 -7.65 -0.20
C TYR A 244 13.05 -7.82 1.14
N ARG A 245 12.40 -8.97 1.35
CA ARG A 245 11.74 -9.21 2.61
C ARG A 245 12.73 -9.22 3.75
N LYS A 246 13.81 -9.96 3.61
CA LYS A 246 14.78 -10.04 4.68
C LYS A 246 15.41 -8.68 4.94
N ALA A 247 15.65 -7.89 3.88
CA ALA A 247 16.20 -6.55 4.08
C ALA A 247 15.23 -5.67 4.87
N ALA A 248 13.97 -5.63 4.44
CA ALA A 248 13.02 -4.75 5.09
C ALA A 248 12.71 -5.20 6.52
N TRP A 249 12.64 -6.52 6.73
CA TRP A 249 12.30 -7.04 8.06
C TRP A 249 13.43 -6.73 9.05
N GLU A 250 14.69 -6.96 8.66
CA GLU A 250 15.79 -6.72 9.58
C GLU A 250 15.94 -5.24 9.88
N ALA A 251 15.70 -4.39 8.87
CA ALA A 251 15.74 -2.97 9.12
C ALA A 251 14.70 -2.57 10.16
N TYR A 252 13.50 -3.15 10.08
CA TYR A 252 12.45 -2.91 11.07
C TYR A 252 12.90 -3.38 12.45
N LEU A 253 13.44 -4.60 12.54
CA LEU A 253 13.85 -5.10 13.85
C LEU A 253 14.91 -4.24 14.47
N SER A 254 15.86 -3.78 13.66
N SER A 254 15.87 -3.78 13.66
CA SER A 254 16.98 -3.03 14.22
CA SER A 254 16.98 -3.01 14.18
C SER A 254 16.54 -1.65 14.71
C SER A 254 16.49 -1.69 14.75
N ARG A 255 15.53 -1.07 14.07
CA ARG A 255 15.03 0.22 14.52
C ARG A 255 14.20 0.04 15.77
N LEU A 256 13.55 -1.09 15.91
CA LEU A 256 12.72 -1.34 17.10
C LEU A 256 13.57 -1.46 18.34
N GLY A 257 14.73 -2.09 18.20
CA GLY A 257 15.64 -2.26 19.32
C GLY A 257 15.16 -3.31 20.30
N VAL A 258 15.73 -3.30 21.50
CA VAL A 258 15.35 -4.25 22.54
C VAL A 258 13.93 -3.99 23.03
#